data_4KSO
#
_entry.id   4KSO
#
_cell.length_a   69.821
_cell.length_b   116.124
_cell.length_c   53.228
_cell.angle_alpha   90.00
_cell.angle_beta   98.28
_cell.angle_gamma   90.00
#
_symmetry.space_group_name_H-M   'C 1 2 1'
#
loop_
_entity.id
_entity.type
_entity.pdbx_description
1 polymer 'Circadian clock protein KaiB'
2 water water
#
_entity_poly.entity_id   1
_entity_poly.type   'polypeptide(L)'
_entity_poly.pdbx_seq_one_letter_code
;MSPRKTYILKLYVAGNTPNSVRALKTLKNILEVEFQGVYALKVIDVLKNPQLAEEDKILATPTLAKVLPLPVRRIIGDLS
DREKVLIGLDLLYGELQDSDDF
;
_entity_poly.pdbx_strand_id   C,D,A,B
#
# COMPACT_ATOMS: atom_id res chain seq x y z
N MET A 1 6.43 -0.01 20.08
CA MET A 1 7.34 -1.08 19.69
C MET A 1 6.87 -2.44 20.19
N SER A 2 7.64 -3.04 21.11
CA SER A 2 7.36 -4.38 21.59
C SER A 2 6.04 -4.47 22.37
N PRO A 3 5.22 -5.51 22.07
CA PRO A 3 5.38 -6.61 21.10
C PRO A 3 5.57 -6.15 19.66
N ARG A 4 6.69 -6.55 19.06
CA ARG A 4 7.21 -5.96 17.83
C ARG A 4 6.38 -6.17 16.55
N LYS A 5 5.65 -7.28 16.49
CA LYS A 5 4.98 -7.69 15.26
C LYS A 5 3.48 -7.36 15.30
N THR A 6 2.76 -7.38 14.17
CA THR A 6 3.27 -7.74 12.85
C THR A 6 2.69 -6.84 11.77
N TYR A 7 2.72 -7.31 10.52
CA TYR A 7 2.06 -6.59 9.44
C TYR A 7 0.56 -6.53 9.69
N ILE A 8 0.08 -5.31 9.94
CA ILE A 8 -1.32 -5.10 10.24
C ILE A 8 -2.15 -4.73 9.02
N LEU A 9 -3.22 -5.48 8.83
CA LEU A 9 -4.17 -5.28 7.75
C LEU A 9 -5.39 -4.52 8.27
N LYS A 10 -5.41 -3.21 8.00
CA LYS A 10 -6.50 -2.35 8.41
C LYS A 10 -7.64 -2.38 7.40
N LEU A 11 -8.84 -2.72 7.89
CA LEU A 11 -10.06 -2.69 7.09
C LEU A 11 -10.96 -1.54 7.53
N TYR A 12 -11.35 -0.73 6.56
CA TYR A 12 -12.18 0.44 6.82
C TYR A 12 -13.63 0.11 6.44
N VAL A 13 -14.50 0.17 7.44
CA VAL A 13 -15.86 -0.36 7.30
C VAL A 13 -16.91 0.71 7.57
N ALA A 14 -17.98 0.70 6.78
CA ALA A 14 -19.10 1.61 6.98
C ALA A 14 -20.26 0.93 7.67
N GLY A 15 -20.19 0.82 8.99
CA GLY A 15 -21.27 0.25 9.78
C GLY A 15 -21.11 -1.24 10.05
N ASN A 16 -21.51 -1.66 11.25
CA ASN A 16 -21.46 -3.06 11.63
C ASN A 16 -22.70 -3.83 11.18
N THR A 17 -22.48 -4.97 10.54
CA THR A 17 -23.55 -5.77 9.97
C THR A 17 -23.30 -7.25 10.30
N PRO A 18 -24.36 -7.98 10.69
CA PRO A 18 -24.29 -9.42 11.02
C PRO A 18 -23.44 -10.23 10.06
N ASN A 19 -23.72 -10.11 8.76
CA ASN A 19 -22.93 -10.78 7.74
C ASN A 19 -21.50 -10.28 7.75
N SER A 20 -21.33 -8.97 7.86
CA SER A 20 -20.02 -8.36 7.87
C SER A 20 -19.21 -8.79 9.09
N VAL A 21 -19.84 -8.82 10.25
CA VAL A 21 -19.15 -9.20 11.47
C VAL A 21 -18.82 -10.69 11.50
N ARG A 22 -19.67 -11.51 10.88
CA ARG A 22 -19.40 -12.94 10.75
C ARG A 22 -18.20 -13.15 9.85
N ALA A 23 -18.18 -12.43 8.73
CA ALA A 23 -17.08 -12.51 7.78
C ALA A 23 -15.76 -12.04 8.41
N LEU A 24 -15.83 -10.97 9.20
CA LEU A 24 -14.65 -10.45 9.88
C LEU A 24 -14.15 -11.43 10.92
N LYS A 25 -15.08 -12.12 11.58
CA LYS A 25 -14.75 -13.18 12.53
C LYS A 25 -13.94 -14.25 11.80
N THR A 26 -14.48 -14.71 10.67
CA THR A 26 -13.83 -15.73 9.84
C THR A 26 -12.42 -15.29 9.43
N LEU A 27 -12.32 -14.08 8.93
CA LEU A 27 -11.06 -13.51 8.45
C LEU A 27 -10.03 -13.49 9.55
N LYS A 28 -10.43 -13.01 10.73
CA LYS A 28 -9.54 -12.98 11.89
C LYS A 28 -9.04 -14.38 12.21
N ASN A 29 -9.97 -15.34 12.23
CA ASN A 29 -9.61 -16.73 12.47
C ASN A 29 -8.54 -17.24 11.51
N ILE A 30 -8.79 -17.08 10.21
CA ILE A 30 -7.84 -17.49 9.18
C ILE A 30 -6.48 -16.83 9.39
N LEU A 31 -6.50 -15.53 9.70
CA LEU A 31 -5.26 -14.79 9.92
C LEU A 31 -4.48 -15.30 11.13
N GLU A 32 -5.19 -15.80 12.14
CA GLU A 32 -4.51 -16.26 13.36
C GLU A 32 -4.27 -17.77 13.41
N VAL A 33 -4.70 -18.49 12.38
CA VAL A 33 -4.39 -19.92 12.28
C VAL A 33 -3.23 -20.18 11.32
N GLU A 34 -3.43 -19.84 10.05
CA GLU A 34 -2.40 -20.05 9.04
C GLU A 34 -1.27 -19.03 9.16
N PHE A 35 -1.63 -17.75 9.07
CA PHE A 35 -0.65 -16.69 9.01
C PHE A 35 -0.42 -16.03 10.37
N GLN A 36 -0.31 -16.85 11.41
CA GLN A 36 -0.07 -16.33 12.75
C GLN A 36 1.32 -15.74 12.88
N GLY A 37 1.40 -14.47 13.27
CA GLY A 37 2.67 -13.78 13.38
C GLY A 37 3.06 -13.14 12.06
N VAL A 38 2.11 -13.06 11.13
CA VAL A 38 2.36 -12.46 9.82
C VAL A 38 1.33 -11.37 9.51
N TYR A 39 0.06 -11.70 9.68
CA TYR A 39 -1.02 -10.75 9.40
C TYR A 39 -1.92 -10.54 10.61
N ALA A 40 -2.14 -9.28 10.97
CA ALA A 40 -3.12 -8.93 12.00
C ALA A 40 -4.33 -8.29 11.32
N LEU A 41 -5.50 -8.33 11.95
CA LEU A 41 -6.70 -7.77 11.30
C LEU A 41 -7.34 -6.70 12.15
N LYS A 42 -7.27 -5.46 11.69
CA LYS A 42 -7.82 -4.36 12.47
C LYS A 42 -9.00 -3.69 11.78
N VAL A 43 -10.18 -3.77 12.41
CA VAL A 43 -11.40 -3.19 11.85
C VAL A 43 -11.59 -1.76 12.36
N ILE A 44 -12.04 -0.87 11.48
CA ILE A 44 -12.41 0.48 11.87
C ILE A 44 -13.74 0.88 11.27
N ASP A 45 -14.78 0.95 12.10
CA ASP A 45 -16.06 1.45 11.63
C ASP A 45 -15.98 2.96 11.49
N VAL A 46 -16.13 3.46 10.27
CA VAL A 46 -16.02 4.89 10.02
C VAL A 46 -17.19 5.65 10.63
N LEU A 47 -18.25 4.92 10.97
CA LEU A 47 -19.42 5.52 11.61
C LEU A 47 -19.18 5.80 13.09
N LYS A 48 -18.15 5.19 13.65
CA LYS A 48 -17.81 5.41 15.06
C LYS A 48 -16.77 6.53 15.20
N ASN A 49 -15.78 6.52 14.31
CA ASN A 49 -14.66 7.45 14.38
C ASN A 49 -14.17 7.79 12.97
N PRO A 50 -14.87 8.72 12.30
CA PRO A 50 -14.57 9.08 10.90
C PRO A 50 -13.20 9.72 10.74
N GLN A 51 -12.70 10.37 11.78
CA GLN A 51 -11.45 11.13 11.68
C GLN A 51 -10.22 10.24 11.69
N LEU A 52 -9.49 10.25 10.57
CA LEU A 52 -8.24 9.52 10.47
C LEU A 52 -7.16 10.17 11.33
N ALA A 53 -6.36 9.35 11.98
CA ALA A 53 -5.19 9.87 12.71
C ALA A 53 -4.13 10.27 11.71
N GLU A 54 -3.08 10.93 12.20
CA GLU A 54 -2.02 11.45 11.33
C GLU A 54 -1.29 10.35 10.57
N GLU A 55 -1.24 9.15 11.14
CA GLU A 55 -0.47 8.06 10.58
C GLU A 55 -1.31 7.18 9.65
N ASP A 56 -2.61 7.10 9.94
CA ASP A 56 -3.52 6.25 9.19
C ASP A 56 -3.79 6.79 7.78
N LYS A 57 -4.09 5.88 6.86
CA LYS A 57 -4.49 6.24 5.50
C LYS A 57 -5.41 5.15 4.95
N ILE A 58 -6.17 5.49 3.91
CA ILE A 58 -7.12 4.55 3.33
C ILE A 58 -6.87 4.35 1.84
N LEU A 59 -6.17 3.28 1.49
CA LEU A 59 -5.98 2.93 0.10
C LEU A 59 -7.18 2.13 -0.40
N ALA A 60 -7.51 2.28 -1.67
CA ALA A 60 -8.65 1.58 -2.26
C ALA A 60 -8.52 0.07 -2.11
N THR A 61 -9.65 -0.62 -2.09
CA THR A 61 -9.67 -2.07 -1.93
C THR A 61 -9.00 -2.82 -3.09
N PRO A 62 -9.36 -2.50 -4.35
CA PRO A 62 -8.69 -3.23 -5.43
C PRO A 62 -7.23 -2.84 -5.61
N THR A 63 -6.66 -2.11 -4.66
CA THR A 63 -5.25 -1.72 -4.71
C THR A 63 -4.35 -2.75 -4.03
N LEU A 64 -4.73 -3.16 -2.82
CA LEU A 64 -3.88 -4.07 -2.05
C LEU A 64 -4.49 -5.47 -1.97
N ALA A 65 -5.69 -5.63 -2.51
CA ALA A 65 -6.33 -6.94 -2.57
C ALA A 65 -5.43 -7.93 -3.30
N LYS A 66 -5.16 -7.62 -4.56
CA LYS A 66 -4.30 -8.42 -5.44
C LYS A 66 -3.07 -9.07 -4.78
N VAL A 67 -2.43 -8.34 -3.88
CA VAL A 67 -1.20 -8.83 -3.26
C VAL A 67 -1.46 -9.63 -1.99
N LEU A 68 -2.73 -9.82 -1.65
CA LEU A 68 -3.11 -10.56 -0.45
C LEU A 68 -3.39 -12.03 -0.77
N PRO A 69 -3.24 -12.91 0.24
CA PRO A 69 -3.55 -14.33 0.07
C PRO A 69 -4.99 -14.56 -0.38
N LEU A 70 -5.19 -15.56 -1.23
CA LEU A 70 -6.51 -15.97 -1.71
C LEU A 70 -7.59 -16.14 -0.62
N PRO A 71 -7.27 -16.84 0.49
CA PRO A 71 -8.28 -16.99 1.54
C PRO A 71 -8.76 -15.66 2.14
N VAL A 72 -7.90 -14.64 2.12
CA VAL A 72 -8.27 -13.32 2.60
C VAL A 72 -8.95 -12.53 1.47
N ARG A 73 -8.41 -12.71 0.26
CA ARG A 73 -8.90 -12.02 -0.92
C ARG A 73 -10.35 -12.34 -1.25
N ARG A 74 -10.78 -13.57 -0.97
CA ARG A 74 -12.16 -13.94 -1.24
C ARG A 74 -13.12 -13.28 -0.24
N ILE A 75 -12.74 -13.29 1.03
CA ILE A 75 -13.55 -12.67 2.08
C ILE A 75 -13.70 -11.17 1.85
N ILE A 76 -12.56 -10.48 1.67
CA ILE A 76 -12.58 -9.06 1.37
C ILE A 76 -13.37 -8.80 0.08
N GLY A 77 -13.18 -9.70 -0.88
CA GLY A 77 -13.87 -9.63 -2.15
C GLY A 77 -15.38 -9.59 -2.04
N ASP A 78 -15.96 -10.53 -1.30
CA ASP A 78 -17.40 -10.51 -1.11
C ASP A 78 -17.82 -9.37 -0.17
N LEU A 79 -16.89 -8.97 0.70
CA LEU A 79 -17.14 -7.87 1.62
C LEU A 79 -17.30 -6.56 0.88
N SER A 80 -16.76 -6.51 -0.33
CA SER A 80 -16.93 -5.33 -1.18
C SER A 80 -18.02 -5.52 -2.24
N ASP A 81 -18.13 -6.73 -2.78
CA ASP A 81 -19.04 -7.00 -3.90
C ASP A 81 -20.39 -7.57 -3.46
N ARG A 82 -20.34 -8.62 -2.64
CA ARG A 82 -21.55 -9.32 -2.22
C ARG A 82 -22.44 -8.49 -1.30
N GLU A 83 -21.87 -8.06 -0.18
CA GLU A 83 -22.57 -7.16 0.73
C GLU A 83 -21.72 -5.93 0.98
N LYS A 84 -21.91 -4.90 0.15
CA LYS A 84 -21.07 -3.71 0.15
C LYS A 84 -21.07 -2.94 1.47
N VAL A 85 -19.94 -2.99 2.17
CA VAL A 85 -19.79 -2.33 3.47
C VAL A 85 -18.36 -1.84 3.65
N LEU A 86 -17.43 -2.46 2.92
CA LEU A 86 -16.00 -2.17 3.08
C LEU A 86 -15.58 -0.91 2.34
N ILE A 87 -14.97 0.03 3.07
CA ILE A 87 -14.35 1.19 2.44
C ILE A 87 -12.97 0.66 2.05
N GLY A 88 -11.97 1.52 2.01
CA GLY A 88 -10.63 1.09 1.67
C GLY A 88 -9.95 0.18 2.68
N LEU A 89 -8.65 0.03 2.54
CA LEU A 89 -7.86 -0.75 3.48
C LEU A 89 -6.42 -0.27 3.47
N ASP A 90 -5.58 -0.86 4.32
CA ASP A 90 -4.15 -0.55 4.31
C ASP A 90 -3.33 -1.66 4.96
N LEU A 91 -2.04 -1.68 4.67
CA LEU A 91 -1.14 -2.66 5.27
C LEU A 91 0.09 -1.96 5.82
N LEU A 92 0.29 -2.06 7.13
CA LEU A 92 1.40 -1.36 7.78
C LEU A 92 2.30 -2.31 8.55
N TYR A 93 3.44 -1.82 9.01
CA TYR A 93 4.29 -2.62 9.88
C TYR A 93 4.22 -2.15 11.33
N GLY A 94 4.40 -3.10 12.25
CA GLY A 94 4.14 -2.85 13.64
C GLY A 94 2.64 -2.91 13.84
N GLU A 95 2.19 -2.71 15.08
CA GLU A 95 3.07 -2.47 16.21
C GLU A 95 2.51 -3.34 17.31
N LEU A 96 1.29 -3.80 17.05
CA LEU A 96 0.43 -4.61 17.91
C LEU A 96 -1.03 -4.47 17.39
N GLN A 97 -1.99 -5.15 18.00
CA GLN A 97 -3.41 -4.92 17.76
C GLN A 97 -4.18 -5.76 18.80
N ASP A 98 -5.49 -5.55 18.89
CA ASP A 98 -6.30 -6.27 19.86
C ASP A 98 -5.83 -5.93 21.27
N SER A 99 -4.57 -6.24 21.55
CA SER A 99 -3.92 -5.89 22.81
C SER A 99 -4.39 -4.55 23.42
N ASP A 100 -4.47 -3.50 22.61
CA ASP A 100 -4.23 -3.57 21.17
C ASP A 100 -3.11 -2.77 20.49
N ASP A 101 -3.33 -1.47 20.34
CA ASP A 101 -2.41 -0.63 19.58
C ASP A 101 -1.78 0.37 20.54
N PHE A 102 -2.52 0.74 21.59
CA PHE A 102 -2.02 1.69 22.58
C PHE A 102 -0.76 1.17 23.26
N MET B 1 2.94 26.53 -16.29
CA MET B 1 1.59 26.10 -16.62
C MET B 1 1.41 26.00 -18.14
N SER B 2 1.29 24.77 -18.62
CA SER B 2 1.31 24.49 -20.06
C SER B 2 0.14 23.66 -20.55
N PRO B 3 -0.97 24.31 -20.92
CA PRO B 3 -1.17 25.76 -20.71
C PRO B 3 -1.89 26.02 -19.40
N ARG B 4 -2.62 25.02 -18.92
CA ARG B 4 -3.36 25.11 -17.67
C ARG B 4 -3.25 23.80 -16.90
N LYS B 5 -2.91 23.91 -15.62
CA LYS B 5 -2.86 22.75 -14.73
C LYS B 5 -3.59 23.11 -13.43
N THR B 6 -4.70 22.43 -13.18
CA THR B 6 -5.58 22.81 -12.08
C THR B 6 -5.56 21.86 -10.88
N TYR B 7 -5.74 22.42 -9.69
CA TYR B 7 -5.80 21.64 -8.47
C TYR B 7 -7.17 21.00 -8.30
N ILE B 8 -7.19 19.81 -7.72
CA ILE B 8 -8.43 19.08 -7.46
C ILE B 8 -8.42 18.64 -6.02
N LEU B 9 -9.07 19.42 -5.17
CA LEU B 9 -9.15 19.12 -3.75
C LEU B 9 -10.32 18.18 -3.47
N LYS B 10 -10.00 16.94 -3.17
CA LYS B 10 -11.00 15.92 -2.85
C LYS B 10 -11.22 15.82 -1.36
N LEU B 11 -12.46 15.95 -0.94
CA LEU B 11 -12.84 15.83 0.47
C LEU B 11 -13.60 14.52 0.69
N TYR B 12 -13.01 13.65 1.50
CA TYR B 12 -13.66 12.38 1.85
C TYR B 12 -14.50 12.54 3.11
N VAL B 13 -15.80 12.35 2.91
CA VAL B 13 -16.84 12.81 3.83
C VAL B 13 -17.75 11.65 4.22
N ALA B 14 -18.07 11.56 5.52
CA ALA B 14 -18.92 10.49 6.02
C ALA B 14 -20.38 10.94 6.17
N GLY B 15 -21.14 10.82 5.09
CA GLY B 15 -22.54 11.18 5.10
C GLY B 15 -22.76 12.68 4.92
N ASN B 16 -24.01 13.05 4.63
CA ASN B 16 -24.33 14.45 4.39
C ASN B 16 -25.44 14.97 5.31
N THR B 17 -25.03 15.56 6.43
CA THR B 17 -25.94 16.12 7.41
C THR B 17 -26.59 17.40 6.88
N PRO B 18 -27.50 18.03 7.65
CA PRO B 18 -28.02 19.30 7.15
C PRO B 18 -27.02 20.46 7.14
N ASN B 19 -26.30 20.68 8.24
CA ASN B 19 -25.48 21.89 8.38
C ASN B 19 -24.04 21.81 7.90
N SER B 20 -23.64 20.66 7.35
CA SER B 20 -22.29 20.53 6.80
C SER B 20 -22.29 20.92 5.33
N VAL B 21 -23.44 20.79 4.69
CA VAL B 21 -23.56 21.07 3.26
C VAL B 21 -23.48 22.56 2.96
N ARG B 22 -23.86 23.40 3.94
CA ARG B 22 -23.78 24.83 3.76
C ARG B 22 -22.35 25.31 3.91
N ALA B 23 -21.58 24.58 4.72
CA ALA B 23 -20.16 24.87 4.88
C ALA B 23 -19.38 24.41 3.65
N LEU B 24 -19.86 23.35 3.02
CA LEU B 24 -19.28 22.86 1.78
C LEU B 24 -19.61 23.79 0.63
N LYS B 25 -20.84 24.28 0.63
CA LYS B 25 -21.32 25.26 -0.34
C LYS B 25 -20.50 26.54 -0.23
N THR B 26 -20.30 26.99 1.00
CA THR B 26 -19.50 28.18 1.27
C THR B 26 -18.05 28.00 0.85
N LEU B 27 -17.47 26.86 1.24
CA LEU B 27 -16.09 26.53 0.86
C LEU B 27 -15.92 26.55 -0.65
N LYS B 28 -16.88 25.92 -1.34
CA LYS B 28 -16.93 25.93 -2.79
C LYS B 28 -16.92 27.37 -3.31
N ASN B 29 -17.80 28.19 -2.74
CA ASN B 29 -17.93 29.58 -3.15
C ASN B 29 -16.62 30.37 -3.02
N ILE B 30 -15.98 30.30 -1.85
CA ILE B 30 -14.71 31.00 -1.66
C ILE B 30 -13.59 30.40 -2.51
N LEU B 31 -13.74 29.12 -2.87
CA LEU B 31 -12.80 28.50 -3.79
C LEU B 31 -12.97 29.07 -5.20
N GLU B 32 -14.17 29.55 -5.50
CA GLU B 32 -14.42 30.13 -6.81
C GLU B 32 -14.27 31.67 -6.90
N VAL B 33 -14.37 32.37 -5.78
CA VAL B 33 -14.27 33.83 -5.83
C VAL B 33 -12.86 34.40 -5.61
N GLU B 34 -12.23 34.07 -4.49
CA GLU B 34 -10.86 34.50 -4.25
C GLU B 34 -9.94 33.83 -5.27
N PHE B 35 -9.84 32.51 -5.16
CA PHE B 35 -9.11 31.71 -6.12
C PHE B 35 -10.04 31.37 -7.28
N GLN B 36 -9.46 30.98 -8.40
CA GLN B 36 -10.24 30.58 -9.58
C GLN B 36 -9.31 29.95 -10.61
N GLY B 37 -9.79 28.92 -11.30
CA GLY B 37 -9.00 28.21 -12.27
C GLY B 37 -7.93 27.37 -11.60
N VAL B 38 -8.04 27.22 -10.28
CA VAL B 38 -7.08 26.44 -9.51
C VAL B 38 -7.77 25.40 -8.62
N TYR B 39 -8.40 25.85 -7.54
CA TYR B 39 -9.04 24.92 -6.60
C TYR B 39 -10.38 24.40 -7.08
N ALA B 40 -10.36 23.22 -7.71
CA ALA B 40 -11.59 22.53 -8.07
C ALA B 40 -11.97 21.58 -6.95
N LEU B 41 -13.10 21.85 -6.31
CA LEU B 41 -13.55 21.05 -5.17
C LEU B 41 -14.34 19.83 -5.60
N LYS B 42 -13.94 18.66 -5.10
CA LYS B 42 -14.71 17.44 -5.33
C LYS B 42 -15.01 16.74 -4.01
N VAL B 43 -16.29 16.63 -3.68
CA VAL B 43 -16.70 16.00 -2.44
C VAL B 43 -17.17 14.57 -2.66
N ILE B 44 -16.51 13.63 -2.00
CA ILE B 44 -16.90 12.23 -2.06
C ILE B 44 -17.54 11.80 -0.74
N ASP B 45 -18.83 11.50 -0.79
CA ASP B 45 -19.51 10.93 0.37
C ASP B 45 -19.26 9.43 0.37
N VAL B 46 -18.54 8.96 1.38
CA VAL B 46 -18.16 7.55 1.45
C VAL B 46 -19.35 6.67 1.87
N LEU B 47 -20.41 7.29 2.33
CA LEU B 47 -21.60 6.54 2.76
C LEU B 47 -22.56 6.27 1.60
N LYS B 48 -22.51 7.12 0.58
CA LYS B 48 -23.31 6.88 -0.63
C LYS B 48 -22.66 5.83 -1.51
N ASN B 49 -21.32 5.85 -1.55
CA ASN B 49 -20.56 4.84 -2.27
C ASN B 49 -19.31 4.43 -1.49
N PRO B 50 -19.44 3.41 -0.62
CA PRO B 50 -18.37 2.89 0.22
C PRO B 50 -17.17 2.42 -0.59
N GLN B 51 -17.43 1.91 -1.78
CA GLN B 51 -16.39 1.36 -2.64
C GLN B 51 -15.55 2.47 -3.26
N LEU B 52 -14.38 2.71 -2.67
CA LEU B 52 -13.45 3.69 -3.22
C LEU B 52 -12.96 3.24 -4.59
N ALA B 53 -12.94 4.16 -5.54
CA ALA B 53 -12.39 3.88 -6.85
C ALA B 53 -10.89 3.60 -6.71
N GLU B 54 -10.34 2.86 -7.66
CA GLU B 54 -8.94 2.47 -7.62
C GLU B 54 -7.99 3.68 -7.69
N GLU B 55 -8.50 4.80 -8.18
CA GLU B 55 -7.71 6.02 -8.28
C GLU B 55 -7.71 6.78 -6.95
N ASP B 56 -8.54 6.34 -6.01
CA ASP B 56 -8.78 7.10 -4.79
C ASP B 56 -7.95 6.63 -3.59
N LYS B 57 -7.39 7.60 -2.86
CA LYS B 57 -6.77 7.35 -1.57
C LYS B 57 -7.24 8.42 -0.59
N ILE B 58 -7.25 8.08 0.69
CA ILE B 58 -7.66 9.03 1.71
C ILE B 58 -6.53 9.22 2.72
N LEU B 59 -6.09 10.47 2.89
CA LEU B 59 -4.98 10.77 3.77
C LEU B 59 -5.42 11.58 4.98
N ALA B 60 -4.55 11.66 5.98
CA ALA B 60 -4.83 12.41 7.20
C ALA B 60 -5.04 13.89 6.90
N THR B 61 -5.80 14.56 7.77
CA THR B 61 -6.15 15.96 7.57
C THR B 61 -4.99 16.97 7.63
N PRO B 62 -4.17 16.96 8.69
CA PRO B 62 -3.11 17.96 8.76
C PRO B 62 -2.05 17.77 7.67
N THR B 63 -1.81 16.52 7.29
CA THR B 63 -0.81 16.17 6.30
C THR B 63 -0.98 16.90 4.98
N LEU B 64 -2.22 17.24 4.65
CA LEU B 64 -2.50 18.02 3.45
C LEU B 64 -2.89 19.44 3.82
N ALA B 65 -3.24 19.64 5.10
CA ALA B 65 -3.51 20.98 5.60
C ALA B 65 -2.24 21.81 5.62
N LYS B 66 -1.10 21.15 5.48
CA LYS B 66 0.19 21.84 5.38
C LYS B 66 0.21 22.87 4.24
N VAL B 67 -0.42 22.54 3.13
CA VAL B 67 -0.32 23.37 1.92
C VAL B 67 -1.61 24.10 1.57
N LEU B 68 -2.61 24.00 2.44
CA LEU B 68 -3.92 24.61 2.18
C LEU B 68 -4.00 26.06 2.67
N PRO B 69 -4.85 26.87 2.03
CA PRO B 69 -5.07 28.27 2.44
C PRO B 69 -5.75 28.37 3.80
N LEU B 70 -5.57 29.51 4.47
CA LEU B 70 -6.12 29.73 5.81
C LEU B 70 -7.65 29.64 5.93
N PRO B 71 -8.41 30.30 5.03
CA PRO B 71 -9.87 30.18 5.15
C PRO B 71 -10.35 28.74 4.94
N VAL B 72 -9.79 28.10 3.91
CA VAL B 72 -10.08 26.70 3.60
C VAL B 72 -9.80 25.83 4.82
N ARG B 73 -8.66 26.08 5.46
CA ARG B 73 -8.26 25.32 6.65
C ARG B 73 -9.17 25.59 7.84
N ARG B 74 -9.74 26.78 7.89
CA ARG B 74 -10.73 27.11 8.91
C ARG B 74 -11.96 26.25 8.67
N ILE B 75 -12.35 26.13 7.41
CA ILE B 75 -13.54 25.35 7.05
C ILE B 75 -13.36 23.84 7.28
N ILE B 76 -12.17 23.31 6.97
CA ILE B 76 -11.93 21.89 7.23
C ILE B 76 -11.79 21.64 8.73
N GLY B 77 -11.25 22.62 9.45
CA GLY B 77 -11.21 22.56 10.90
C GLY B 77 -12.63 22.46 11.41
N ASP B 78 -13.53 23.23 10.78
CA ASP B 78 -14.94 23.16 11.12
C ASP B 78 -15.53 21.78 10.85
N LEU B 79 -15.43 21.30 9.63
CA LEU B 79 -16.03 20.01 9.27
C LEU B 79 -15.49 18.84 10.09
N SER B 80 -14.22 18.90 10.46
CA SER B 80 -13.61 17.83 11.24
C SER B 80 -13.90 17.91 12.74
N ASP B 81 -13.88 19.12 13.29
CA ASP B 81 -13.97 19.28 14.75
C ASP B 81 -15.39 19.55 15.26
N ARG B 82 -16.29 19.97 14.37
CA ARG B 82 -17.62 20.41 14.77
C ARG B 82 -18.69 19.32 14.68
N GLU B 83 -18.61 18.47 13.66
CA GLU B 83 -19.67 17.48 13.44
C GLU B 83 -19.20 16.11 12.96
N LYS B 84 -17.90 15.83 13.09
CA LYS B 84 -17.30 14.55 12.68
C LYS B 84 -17.77 14.02 11.31
N VAL B 85 -17.62 14.85 10.28
CA VAL B 85 -18.13 14.50 8.95
C VAL B 85 -16.99 14.28 7.95
N LEU B 86 -15.88 14.98 8.14
CA LEU B 86 -14.73 14.86 7.24
C LEU B 86 -13.83 13.70 7.64
N ILE B 87 -13.86 12.62 6.85
CA ILE B 87 -12.96 11.49 7.07
C ILE B 87 -11.53 11.88 6.73
N GLY B 88 -11.33 12.37 5.51
CA GLY B 88 -10.00 12.76 5.10
C GLY B 88 -9.99 13.63 3.86
N LEU B 89 -8.83 13.74 3.22
CA LEU B 89 -8.73 14.52 1.99
C LEU B 89 -7.55 14.09 1.12
N ASP B 90 -7.68 14.34 -0.17
CA ASP B 90 -6.62 14.01 -1.11
C ASP B 90 -6.49 15.16 -2.11
N LEU B 91 -5.27 15.42 -2.58
CA LEU B 91 -5.06 16.50 -3.53
C LEU B 91 -4.51 15.98 -4.85
N LEU B 92 -5.31 16.07 -5.91
CA LEU B 92 -4.83 15.68 -7.23
C LEU B 92 -4.62 16.88 -8.13
N TYR B 93 -4.00 16.65 -9.28
CA TYR B 93 -3.71 17.73 -10.21
C TYR B 93 -4.14 17.29 -11.60
N GLY B 94 -4.63 18.23 -12.41
CA GLY B 94 -5.06 17.91 -13.75
C GLY B 94 -5.72 19.06 -14.48
N GLU B 95 -5.76 18.94 -15.81
CA GLU B 95 -6.45 19.89 -16.66
C GLU B 95 -7.86 19.36 -16.91
N LEU B 96 -8.85 19.97 -16.27
CA LEU B 96 -10.17 19.36 -16.16
C LEU B 96 -11.28 19.94 -17.03
N GLN B 97 -10.98 20.98 -17.80
CA GLN B 97 -12.03 21.60 -18.62
C GLN B 97 -11.55 21.99 -20.03
N ASP B 98 -12.06 21.28 -21.03
CA ASP B 98 -13.00 20.19 -20.81
C ASP B 98 -12.31 18.84 -20.87
N SER B 99 -12.44 18.07 -19.80
CA SER B 99 -11.83 16.74 -19.72
C SER B 99 -12.56 15.88 -18.69
N ASP B 100 -13.63 15.21 -19.12
CA ASP B 100 -14.36 14.32 -18.22
C ASP B 100 -13.54 13.07 -17.94
N ASP B 101 -12.59 12.79 -18.82
CA ASP B 101 -11.76 11.59 -18.73
C ASP B 101 -11.05 11.51 -17.38
N PHE B 102 -10.45 12.62 -16.97
CA PHE B 102 -9.87 12.74 -15.64
C PHE B 102 -8.81 11.68 -15.34
N ILE C 8 6.41 10.30 1.68
CA ILE C 8 7.65 9.96 0.97
C ILE C 8 7.45 8.79 0.01
N LEU C 9 7.73 9.03 -1.26
CA LEU C 9 7.62 8.01 -2.27
C LEU C 9 8.92 7.20 -2.33
N LYS C 10 8.82 5.93 -1.96
CA LYS C 10 9.99 5.04 -1.95
C LYS C 10 10.07 4.23 -3.24
N LEU C 11 11.12 4.45 -4.02
CA LEU C 11 11.34 3.69 -5.24
C LEU C 11 12.44 2.67 -5.09
N TYR C 12 12.22 1.47 -5.63
CA TYR C 12 13.21 0.42 -5.61
C TYR C 12 13.62 0.12 -7.04
N VAL C 13 14.89 0.29 -7.37
CA VAL C 13 15.34 0.11 -8.75
C VAL C 13 16.48 -0.90 -8.89
N ALA C 14 16.58 -1.49 -10.08
CA ALA C 14 17.65 -2.43 -10.38
C ALA C 14 18.71 -1.79 -11.26
N GLY C 15 19.66 -1.10 -10.63
CA GLY C 15 20.69 -0.40 -11.36
C GLY C 15 20.27 1.00 -11.73
N ASN C 16 21.21 1.80 -12.23
CA ASN C 16 20.89 3.14 -12.70
C ASN C 16 21.44 3.41 -14.10
N THR C 17 20.59 3.97 -14.95
CA THR C 17 20.94 4.28 -16.34
C THR C 17 20.87 5.80 -16.50
N PRO C 18 21.37 6.33 -17.64
CA PRO C 18 21.24 7.78 -17.82
C PRO C 18 19.79 8.26 -17.80
N ASN C 19 18.95 7.68 -18.65
CA ASN C 19 17.53 8.03 -18.72
C ASN C 19 16.83 7.89 -17.38
N SER C 20 17.20 6.85 -16.64
CA SER C 20 16.64 6.59 -15.32
C SER C 20 16.96 7.73 -14.35
N VAL C 21 18.24 8.09 -14.27
CA VAL C 21 18.68 9.18 -13.39
C VAL C 21 18.04 10.51 -13.78
N ARG C 22 17.97 10.77 -15.08
CA ARG C 22 17.32 11.97 -15.60
C ARG C 22 15.86 12.05 -15.15
N ALA C 23 15.13 10.96 -15.36
CA ALA C 23 13.72 10.90 -15.00
C ALA C 23 13.51 11.00 -13.49
N LEU C 24 14.46 10.48 -12.72
CA LEU C 24 14.39 10.53 -11.26
C LEU C 24 14.65 11.93 -10.74
N LYS C 25 15.56 12.65 -11.40
CA LYS C 25 15.83 14.04 -11.04
C LYS C 25 14.64 14.91 -11.44
N THR C 26 13.97 14.51 -12.52
CA THR C 26 12.75 15.20 -12.95
C THR C 26 11.63 14.99 -11.93
N LEU C 27 11.50 13.76 -11.44
CA LEU C 27 10.53 13.41 -10.41
C LEU C 27 10.79 14.18 -9.11
N LYS C 28 12.06 14.23 -8.73
CA LYS C 28 12.47 15.01 -7.57
C LYS C 28 12.07 16.47 -7.79
N ASN C 29 12.33 16.97 -8.99
CA ASN C 29 11.97 18.35 -9.33
C ASN C 29 10.48 18.63 -9.25
N ILE C 30 9.66 17.64 -9.60
CA ILE C 30 8.21 17.86 -9.57
C ILE C 30 7.67 17.83 -8.14
N LEU C 31 8.15 16.89 -7.32
CA LEU C 31 7.75 16.88 -5.92
C LEU C 31 8.29 18.12 -5.21
N GLU C 32 9.34 18.70 -5.79
CA GLU C 32 9.92 19.92 -5.25
C GLU C 32 9.17 21.18 -5.68
N VAL C 33 8.52 21.12 -6.85
CA VAL C 33 7.82 22.29 -7.37
C VAL C 33 6.38 22.38 -6.86
N GLU C 34 5.68 21.24 -6.82
CA GLU C 34 4.26 21.28 -6.46
C GLU C 34 3.84 20.39 -5.29
N PHE C 35 4.78 20.03 -4.42
CA PHE C 35 4.47 19.14 -3.31
C PHE C 35 5.31 19.38 -2.06
N GLN C 36 5.25 20.58 -1.49
CA GLN C 36 6.09 20.89 -0.34
C GLN C 36 5.55 20.30 0.96
N GLY C 37 6.32 19.40 1.55
CA GLY C 37 5.95 18.80 2.83
C GLY C 37 4.90 17.71 2.72
N VAL C 38 4.49 17.41 1.50
CA VAL C 38 3.43 16.43 1.26
C VAL C 38 3.94 15.25 0.43
N TYR C 39 5.08 15.43 -0.22
CA TYR C 39 5.72 14.34 -0.96
C TYR C 39 7.24 14.43 -0.98
N ALA C 40 7.89 13.37 -0.52
CA ALA C 40 9.33 13.24 -0.58
C ALA C 40 9.70 12.03 -1.44
N LEU C 41 11.00 11.82 -1.64
CA LEU C 41 11.45 10.72 -2.50
C LEU C 41 12.66 10.01 -1.92
N LYS C 42 12.58 8.69 -1.84
CA LYS C 42 13.74 7.88 -1.47
C LYS C 42 13.94 6.75 -2.47
N VAL C 43 14.96 6.88 -3.30
CA VAL C 43 15.27 5.87 -4.30
C VAL C 43 16.44 5.01 -3.83
N ILE C 44 16.25 3.70 -3.84
CA ILE C 44 17.34 2.78 -3.53
C ILE C 44 17.59 1.78 -4.66
N ASP C 45 18.86 1.51 -4.91
CA ASP C 45 19.24 0.55 -5.94
C ASP C 45 19.41 -0.83 -5.31
N VAL C 46 18.77 -1.82 -5.90
CA VAL C 46 18.80 -3.18 -5.36
C VAL C 46 20.10 -3.89 -5.76
N LEU C 47 20.84 -3.27 -6.67
CA LEU C 47 22.14 -3.80 -7.09
C LEU C 47 23.21 -3.45 -6.06
N LYS C 48 22.92 -2.43 -5.26
CA LYS C 48 23.85 -2.00 -4.22
C LYS C 48 23.32 -2.39 -2.84
N ASN C 49 22.00 -2.43 -2.72
CA ASN C 49 21.36 -2.78 -1.45
C ASN C 49 20.16 -3.69 -1.63
N PRO C 50 20.39 -5.01 -1.69
CA PRO C 50 19.31 -5.99 -1.81
C PRO C 50 18.58 -6.19 -0.48
N GLN C 51 19.33 -6.17 0.61
CA GLN C 51 18.80 -6.49 1.93
C GLN C 51 17.67 -5.57 2.39
N LEU C 52 16.44 -6.06 2.31
CA LEU C 52 15.30 -5.36 2.91
C LEU C 52 15.41 -5.47 4.43
N ALA C 53 15.13 -4.38 5.12
CA ALA C 53 15.30 -4.35 6.56
C ALA C 53 14.09 -3.76 7.30
N GLU C 54 13.72 -4.41 8.39
CA GLU C 54 12.66 -3.91 9.27
C GLU C 54 11.31 -3.70 8.60
N GLU C 55 10.82 -2.46 8.63
CA GLU C 55 9.49 -2.13 8.15
C GLU C 55 9.40 -2.05 6.62
N ASP C 56 10.55 -1.98 5.96
CA ASP C 56 10.58 -1.80 4.52
C ASP C 56 10.00 -2.98 3.75
N LYS C 57 9.34 -2.68 2.64
CA LYS C 57 8.73 -3.69 1.79
C LYS C 57 8.59 -3.16 0.38
N ILE C 58 8.28 -4.04 -0.56
CA ILE C 58 8.10 -3.64 -1.95
C ILE C 58 6.75 -4.10 -2.49
N LEU C 59 5.96 -3.16 -2.97
CA LEU C 59 4.69 -3.48 -3.60
C LEU C 59 4.81 -3.32 -5.11
N ALA C 60 3.98 -4.05 -5.84
CA ALA C 60 3.98 -3.99 -7.30
C ALA C 60 3.68 -2.57 -7.79
N THR C 61 4.15 -2.26 -8.99
CA THR C 61 3.93 -0.94 -9.56
C THR C 61 2.45 -0.57 -9.79
N PRO C 62 1.68 -1.43 -10.50
CA PRO C 62 0.28 -1.05 -10.75
C PRO C 62 -0.55 -0.94 -9.47
N THR C 63 -0.02 -1.47 -8.38
CA THR C 63 -0.68 -1.40 -7.08
C THR C 63 -0.83 0.06 -6.63
N LEU C 64 0.28 0.78 -6.53
CA LEU C 64 0.27 2.13 -6.00
C LEU C 64 0.32 3.23 -7.06
N ALA C 65 0.68 2.87 -8.29
CA ALA C 65 0.79 3.85 -9.36
C ALA C 65 -0.56 4.48 -9.69
N LYS C 66 -1.59 3.66 -9.75
CA LYS C 66 -2.93 4.11 -10.11
C LYS C 66 -3.48 5.17 -9.15
N VAL C 67 -2.97 5.18 -7.93
CA VAL C 67 -3.47 6.08 -6.90
C VAL C 67 -2.57 7.32 -6.75
N LEU C 68 -1.53 7.39 -7.56
CA LEU C 68 -0.58 8.50 -7.52
C LEU C 68 -0.96 9.63 -8.46
N PRO C 69 -0.40 10.83 -8.22
CA PRO C 69 -0.56 11.96 -9.15
C PRO C 69 -0.10 11.58 -10.56
N LEU C 70 -0.82 12.07 -11.58
CA LEU C 70 -0.59 11.63 -12.97
C LEU C 70 0.71 12.06 -13.67
N PRO C 71 1.32 13.18 -13.27
CA PRO C 71 2.65 13.37 -13.85
C PRO C 71 3.66 12.43 -13.20
N VAL C 72 3.47 12.19 -11.90
CA VAL C 72 4.24 11.17 -11.20
C VAL C 72 3.88 9.81 -11.78
N ARG C 73 2.62 9.64 -12.19
CA ARG C 73 2.19 8.40 -12.82
C ARG C 73 2.87 8.17 -14.16
N ARG C 74 3.06 9.24 -14.92
CA ARG C 74 3.68 9.10 -16.24
C ARG C 74 5.19 8.89 -16.10
N ILE C 75 5.81 9.52 -15.10
CA ILE C 75 7.21 9.27 -14.83
C ILE C 75 7.45 7.83 -14.36
N ILE C 76 6.63 7.38 -13.42
CA ILE C 76 6.70 6.01 -12.92
C ILE C 76 6.47 5.00 -14.04
N GLY C 77 5.43 5.23 -14.84
CA GLY C 77 5.11 4.39 -15.97
C GLY C 77 6.27 4.33 -16.94
N ASP C 78 6.94 5.46 -17.14
CA ASP C 78 8.15 5.50 -17.95
C ASP C 78 9.20 4.56 -17.37
N LEU C 79 9.59 4.81 -16.13
CA LEU C 79 10.62 4.02 -15.45
C LEU C 79 10.34 2.52 -15.49
N SER C 80 9.07 2.15 -15.37
CA SER C 80 8.69 0.75 -15.27
C SER C 80 8.52 0.08 -16.64
N ASP C 81 8.21 0.86 -17.66
CA ASP C 81 7.96 0.29 -18.99
C ASP C 81 9.08 0.55 -20.01
N ARG C 82 9.47 1.81 -20.14
CA ARG C 82 10.50 2.18 -21.11
C ARG C 82 11.89 1.75 -20.66
N GLU C 83 12.33 2.28 -19.52
CA GLU C 83 13.67 2.01 -19.02
C GLU C 83 13.79 0.63 -18.38
N LYS C 84 12.65 0.07 -17.97
CA LYS C 84 12.60 -1.26 -17.37
C LYS C 84 13.61 -1.43 -16.24
N VAL C 85 13.57 -0.51 -15.29
CA VAL C 85 14.55 -0.47 -14.21
C VAL C 85 13.85 -0.44 -12.85
N LEU C 86 12.59 -0.01 -12.84
CA LEU C 86 11.82 0.06 -11.62
C LEU C 86 11.15 -1.28 -11.33
N ILE C 87 11.49 -1.87 -10.19
CA ILE C 87 10.92 -3.16 -9.81
C ILE C 87 9.63 -2.99 -9.01
N GLY C 88 9.59 -1.93 -8.20
CA GLY C 88 8.44 -1.69 -7.34
C GLY C 88 8.60 -0.47 -6.47
N LEU C 89 7.50 -0.07 -5.84
CA LEU C 89 7.48 1.12 -5.01
C LEU C 89 6.75 0.88 -3.69
N ASP C 90 6.91 1.80 -2.77
CA ASP C 90 6.26 1.74 -1.48
C ASP C 90 5.96 3.15 -0.98
N LEU C 91 4.80 3.33 -0.39
CA LEU C 91 4.41 4.62 0.19
C LEU C 91 3.92 4.36 1.60
N LEU C 92 4.85 4.30 2.56
CA LEU C 92 4.49 3.91 3.92
C LEU C 92 3.41 4.78 4.58
N TYR C 93 3.60 6.09 4.76
CA TYR C 93 4.85 6.81 4.54
C TYR C 93 5.37 7.45 5.82
N GLY C 94 4.52 7.46 6.84
CA GLY C 94 4.87 8.00 8.14
C GLY C 94 5.34 9.44 8.03
N GLU C 95 4.68 10.18 7.15
CA GLU C 95 5.13 11.52 6.79
C GLU C 95 4.70 12.61 7.77
N LEU C 96 5.64 13.50 8.03
CA LEU C 96 5.39 14.74 8.78
C LEU C 96 6.81 15.31 8.79
N GLN C 97 6.98 16.43 9.49
CA GLN C 97 8.30 17.02 9.72
C GLN C 97 8.98 16.72 11.04
N ASP C 98 8.25 16.05 11.93
CA ASP C 98 8.76 15.75 13.26
C ASP C 98 8.51 14.29 13.64
N SER C 99 9.61 13.59 13.91
CA SER C 99 9.62 12.14 14.09
C SER C 99 8.67 11.58 15.16
N ASP C 100 8.06 10.43 14.87
CA ASP C 100 7.12 9.80 15.79
C ASP C 100 7.58 8.41 16.25
N ASP C 101 7.83 7.51 15.31
CA ASP C 101 8.27 6.15 15.65
C ASP C 101 9.74 5.78 15.38
N PHE C 102 10.26 5.93 14.16
CA PHE C 102 9.53 6.42 12.98
C PHE C 102 9.59 5.39 11.85
N MET D 1 0.20 -36.67 -3.68
CA MET D 1 -0.99 -35.98 -4.20
C MET D 1 -2.26 -36.35 -3.43
N SER D 2 -2.64 -35.56 -2.42
CA SER D 2 -1.88 -34.38 -1.99
C SER D 2 -2.05 -34.23 -0.47
N PRO D 3 -1.10 -33.50 0.16
CA PRO D 3 -1.44 -32.92 1.47
C PRO D 3 -2.35 -31.72 1.23
N ARG D 4 -2.20 -31.12 0.05
CA ARG D 4 -3.03 -30.01 -0.42
C ARG D 4 -2.85 -28.74 0.41
N LYS D 5 -3.55 -27.67 0.04
CA LYS D 5 -3.51 -26.40 0.76
C LYS D 5 -2.07 -25.96 1.00
N THR D 6 -1.27 -26.05 -0.04
CA THR D 6 0.18 -25.94 0.08
C THR D 6 0.67 -24.52 0.31
N TYR D 7 1.70 -24.39 1.14
CA TYR D 7 2.38 -23.12 1.33
C TYR D 7 3.28 -22.85 0.14
N ILE D 8 3.24 -21.61 -0.35
CA ILE D 8 4.05 -21.19 -1.48
C ILE D 8 5.08 -20.20 -0.95
N LEU D 9 6.32 -20.65 -0.88
CA LEU D 9 7.43 -19.83 -0.39
C LEU D 9 8.15 -19.18 -1.56
N LYS D 10 7.80 -17.91 -1.82
CA LYS D 10 8.45 -17.16 -2.88
C LYS D 10 9.65 -16.41 -2.35
N LEU D 11 10.82 -16.67 -2.94
CA LEU D 11 12.06 -15.99 -2.57
C LEU D 11 12.45 -14.97 -3.63
N TYR D 12 12.79 -13.76 -3.19
CA TYR D 12 13.17 -12.71 -4.14
C TYR D 12 14.66 -12.42 -4.06
N VAL D 13 15.39 -12.77 -5.11
CA VAL D 13 16.83 -12.65 -5.11
C VAL D 13 17.36 -11.76 -6.22
N ALA D 14 18.58 -11.25 -6.02
CA ALA D 14 19.22 -10.38 -7.01
C ALA D 14 20.51 -11.01 -7.52
N GLY D 15 20.37 -11.87 -8.53
CA GLY D 15 21.52 -12.55 -9.11
C GLY D 15 21.64 -13.98 -8.62
N ASN D 16 22.53 -14.75 -9.23
CA ASN D 16 22.77 -16.12 -8.79
C ASN D 16 24.25 -16.48 -8.67
N THR D 17 24.81 -16.18 -7.50
CA THR D 17 26.18 -16.55 -7.16
C THR D 17 26.32 -18.07 -7.26
N PRO D 18 27.44 -18.55 -7.83
CA PRO D 18 27.77 -19.97 -7.96
C PRO D 18 27.44 -20.79 -6.72
N ASN D 19 27.65 -20.20 -5.54
CA ASN D 19 27.32 -20.86 -4.28
C ASN D 19 25.85 -20.70 -3.90
N SER D 20 25.26 -19.58 -4.30
CA SER D 20 23.86 -19.29 -4.03
C SER D 20 22.95 -20.33 -4.69
N VAL D 21 23.27 -20.68 -5.93
CA VAL D 21 22.51 -21.68 -6.67
C VAL D 21 22.52 -23.02 -5.95
N ARG D 22 23.68 -23.43 -5.47
CA ARG D 22 23.79 -24.68 -4.72
C ARG D 22 23.03 -24.63 -3.40
N ALA D 23 23.04 -23.47 -2.76
CA ALA D 23 22.26 -23.28 -1.54
C ALA D 23 20.77 -23.39 -1.84
N LEU D 24 20.39 -22.95 -3.04
CA LEU D 24 18.99 -22.98 -3.49
C LEU D 24 18.55 -24.42 -3.76
N LYS D 25 19.37 -25.15 -4.50
CA LYS D 25 19.10 -26.56 -4.79
C LYS D 25 19.07 -27.36 -3.49
N THR D 26 19.90 -26.94 -2.53
CA THR D 26 19.89 -27.52 -1.20
C THR D 26 18.53 -27.32 -0.54
N LEU D 27 18.14 -26.05 -0.40
CA LEU D 27 16.85 -25.69 0.19
C LEU D 27 15.68 -26.47 -0.41
N LYS D 28 15.60 -26.40 -1.74
CA LYS D 28 14.59 -27.15 -2.49
C LYS D 28 14.61 -28.63 -2.12
N ASN D 29 15.81 -29.21 -2.12
CA ASN D 29 15.99 -30.62 -1.79
C ASN D 29 15.44 -30.99 -0.41
N ILE D 30 15.80 -30.20 0.60
CA ILE D 30 15.33 -30.49 1.95
C ILE D 30 13.83 -30.28 2.08
N LEU D 31 13.29 -29.34 1.32
CA LEU D 31 11.84 -29.11 1.34
C LEU D 31 11.12 -30.28 0.68
N GLU D 32 11.78 -30.93 -0.26
CA GLU D 32 11.21 -32.09 -0.93
C GLU D 32 11.27 -33.35 -0.08
N VAL D 33 12.44 -33.64 0.50
CA VAL D 33 12.64 -34.89 1.23
C VAL D 33 12.15 -34.86 2.67
N GLU D 34 12.20 -33.70 3.32
CA GLU D 34 11.90 -33.61 4.74
C GLU D 34 10.52 -33.01 5.02
N PHE D 35 10.06 -32.12 4.14
CA PHE D 35 8.76 -31.50 4.30
C PHE D 35 7.86 -31.78 3.11
N GLN D 36 7.97 -33.01 2.60
CA GLN D 36 7.21 -33.43 1.41
C GLN D 36 5.77 -32.95 1.39
N GLY D 37 5.45 -32.16 0.37
CA GLY D 37 4.09 -31.72 0.14
C GLY D 37 3.72 -30.35 0.71
N VAL D 38 3.96 -30.14 2.00
CA VAL D 38 3.46 -28.95 2.69
C VAL D 38 3.98 -27.64 2.10
N TYR D 39 5.13 -27.68 1.44
CA TYR D 39 5.72 -26.46 0.87
C TYR D 39 5.80 -26.48 -0.65
N ALA D 40 6.24 -25.36 -1.21
CA ALA D 40 6.47 -25.22 -2.63
C ALA D 40 7.36 -24.01 -2.88
N LEU D 41 8.62 -24.24 -3.22
CA LEU D 41 9.58 -23.17 -3.39
C LEU D 41 9.49 -22.51 -4.76
N LYS D 42 9.20 -21.21 -4.77
CA LYS D 42 9.15 -20.44 -6.00
C LYS D 42 10.26 -19.39 -5.98
N VAL D 43 11.24 -19.55 -6.86
CA VAL D 43 12.36 -18.62 -6.93
C VAL D 43 12.08 -17.52 -7.94
N ILE D 44 12.26 -16.27 -7.52
CA ILE D 44 12.09 -15.12 -8.39
C ILE D 44 13.32 -14.22 -8.32
N ASP D 45 14.03 -14.10 -9.42
CA ASP D 45 15.15 -13.18 -9.50
C ASP D 45 14.67 -11.86 -10.09
N VAL D 46 14.98 -10.77 -9.37
CA VAL D 46 14.60 -9.44 -9.79
C VAL D 46 15.37 -9.00 -11.03
N LEU D 47 16.63 -9.41 -11.12
CA LEU D 47 17.52 -8.96 -12.18
C LEU D 47 17.13 -9.51 -13.55
N LYS D 48 16.61 -10.73 -13.59
CA LYS D 48 16.19 -11.34 -14.84
C LYS D 48 14.96 -10.62 -15.42
N ASN D 49 14.02 -10.30 -14.54
CA ASN D 49 12.89 -9.45 -14.90
C ASN D 49 12.50 -8.56 -13.72
N PRO D 50 12.86 -7.27 -13.79
CA PRO D 50 12.59 -6.28 -12.75
C PRO D 50 11.10 -6.09 -12.43
N GLN D 51 10.28 -5.95 -13.47
CA GLN D 51 8.87 -5.63 -13.28
C GLN D 51 8.09 -6.71 -12.53
N LEU D 52 7.72 -6.40 -11.29
CA LEU D 52 6.95 -7.32 -10.46
C LEU D 52 5.53 -7.46 -10.98
N ALA D 53 4.99 -8.68 -10.89
CA ALA D 53 3.60 -8.92 -11.26
C ALA D 53 2.67 -8.24 -10.26
N GLU D 54 1.43 -8.00 -10.68
CA GLU D 54 0.47 -7.27 -9.87
C GLU D 54 0.13 -8.01 -8.58
N GLU D 55 0.34 -9.32 -8.57
CA GLU D 55 0.02 -10.15 -7.41
C GLU D 55 1.22 -10.31 -6.50
N ASP D 56 2.40 -9.95 -7.00
CA ASP D 56 3.64 -10.11 -6.24
C ASP D 56 3.91 -8.95 -5.29
N LYS D 57 4.42 -9.28 -4.10
CA LYS D 57 4.91 -8.27 -3.16
C LYS D 57 6.08 -8.85 -2.37
N ILE D 58 6.89 -7.98 -1.79
CA ILE D 58 8.09 -8.42 -1.09
C ILE D 58 8.15 -7.93 0.34
N LEU D 59 8.11 -8.87 1.28
CA LEU D 59 8.19 -8.54 2.70
C LEU D 59 9.61 -8.72 3.22
N ALA D 60 9.90 -8.11 4.37
CA ALA D 60 11.24 -8.16 4.95
C ALA D 60 11.59 -9.56 5.48
N THR D 61 12.88 -9.89 5.44
CA THR D 61 13.38 -11.17 5.96
C THR D 61 13.23 -11.36 7.48
N PRO D 62 13.48 -10.31 8.29
CA PRO D 62 13.19 -10.46 9.72
C PRO D 62 11.74 -10.82 10.02
N THR D 63 10.83 -10.45 9.11
CA THR D 63 9.47 -10.94 9.18
C THR D 63 9.44 -12.28 8.46
N LEU D 64 8.53 -13.16 8.86
CA LEU D 64 8.52 -14.56 8.40
C LEU D 64 9.80 -15.25 8.86
N ALA D 65 10.28 -14.86 10.03
CA ALA D 65 11.46 -15.46 10.65
C ALA D 65 11.09 -16.14 11.96
N LYS D 66 9.79 -16.37 12.15
CA LYS D 66 9.29 -17.11 13.31
C LYS D 66 8.34 -18.23 12.86
N VAL D 67 7.86 -18.11 11.63
CA VAL D 67 6.93 -19.08 11.04
C VAL D 67 7.61 -20.37 10.56
N LEU D 68 8.42 -20.26 9.51
CA LEU D 68 9.20 -21.37 8.95
C LEU D 68 10.00 -22.14 10.00
N PRO D 69 10.38 -23.40 9.69
CA PRO D 69 11.25 -24.19 10.59
C PRO D 69 12.71 -23.75 10.56
N LEU D 70 13.49 -24.26 11.50
CA LEU D 70 14.91 -23.90 11.66
C LEU D 70 15.88 -24.30 10.52
N PRO D 71 15.77 -25.54 10.00
CA PRO D 71 16.69 -25.95 8.93
C PRO D 71 16.64 -25.05 7.70
N VAL D 72 15.59 -24.25 7.57
CA VAL D 72 15.52 -23.27 6.50
C VAL D 72 15.71 -21.86 7.06
N ARG D 73 15.62 -21.73 8.39
CA ARG D 73 16.00 -20.50 9.05
C ARG D 73 17.44 -20.21 8.71
N ARG D 74 18.30 -21.19 8.97
CA ARG D 74 19.73 -21.01 8.72
C ARG D 74 20.02 -20.69 7.25
N ILE D 75 19.25 -21.30 6.34
CA ILE D 75 19.44 -21.07 4.91
C ILE D 75 18.99 -19.67 4.49
N ILE D 76 17.94 -19.16 5.14
CA ILE D 76 17.45 -17.82 4.85
C ILE D 76 18.39 -16.75 5.38
N GLY D 77 18.71 -16.87 6.66
CA GLY D 77 19.67 -15.98 7.30
C GLY D 77 20.99 -15.99 6.54
N ASP D 78 21.35 -17.15 6.00
CA ASP D 78 22.55 -17.25 5.17
C ASP D 78 22.40 -16.52 3.84
N LEU D 79 21.30 -16.79 3.14
CA LEU D 79 21.04 -16.16 1.85
C LEU D 79 20.95 -14.64 1.99
N SER D 80 20.81 -14.19 3.24
CA SER D 80 20.89 -12.76 3.53
C SER D 80 22.30 -12.34 3.94
N ASP D 81 23.06 -13.26 4.53
CA ASP D 81 24.33 -12.89 5.16
C ASP D 81 25.60 -13.12 4.33
N ARG D 82 25.96 -14.38 4.11
CA ARG D 82 27.15 -14.72 3.35
C ARG D 82 27.11 -14.08 1.97
N GLU D 83 26.03 -14.35 1.25
CA GLU D 83 25.80 -13.72 -0.06
C GLU D 83 24.68 -12.70 0.07
N LYS D 84 25.01 -11.45 -0.22
CA LYS D 84 24.01 -10.39 -0.19
C LYS D 84 23.14 -10.47 -1.44
N VAL D 85 22.27 -11.48 -1.49
CA VAL D 85 21.48 -11.75 -2.67
C VAL D 85 19.98 -11.71 -2.37
N LEU D 86 19.60 -12.15 -1.18
CA LEU D 86 18.19 -12.19 -0.81
C LEU D 86 17.64 -10.82 -0.45
N ILE D 87 16.65 -10.37 -1.22
CA ILE D 87 15.96 -9.12 -0.94
C ILE D 87 14.94 -9.35 0.16
N GLY D 88 13.90 -10.09 -0.18
CA GLY D 88 12.85 -10.45 0.76
C GLY D 88 12.11 -11.66 0.26
N LEU D 89 10.96 -11.95 0.88
CA LEU D 89 10.18 -13.12 0.51
C LEU D 89 8.69 -12.94 0.75
N ASP D 90 7.90 -13.90 0.30
CA ASP D 90 6.47 -13.91 0.57
C ASP D 90 5.98 -15.34 0.73
N LEU D 91 4.86 -15.51 1.42
CA LEU D 91 4.31 -16.83 1.67
C LEU D 91 2.81 -16.82 1.42
N LEU D 92 2.38 -17.58 0.41
CA LEU D 92 0.97 -17.55 0.00
C LEU D 92 0.33 -18.94 0.01
N TYR D 93 -0.99 -19.00 0.23
CA TYR D 93 -1.66 -20.28 0.35
C TYR D 93 -2.18 -20.80 -1.00
N GLY D 94 -2.88 -19.95 -1.73
CA GLY D 94 -3.36 -20.29 -3.06
C GLY D 94 -4.38 -21.42 -3.10
N GLU D 95 -4.65 -21.95 -4.28
CA GLU D 95 -4.00 -21.47 -5.50
C GLU D 95 -4.98 -20.72 -6.41
N LEU D 96 -4.57 -19.52 -6.85
CA LEU D 96 -5.39 -18.71 -7.73
C LEU D 96 -5.20 -19.13 -9.19
N GLN D 97 -3.95 -19.41 -9.54
CA GLN D 97 -3.60 -19.78 -10.91
C GLN D 97 -3.22 -21.25 -10.95
N ASP D 98 -3.18 -21.82 -12.14
CA ASP D 98 -2.80 -23.22 -12.29
C ASP D 98 -1.73 -23.38 -13.37
N SER D 99 -1.32 -24.62 -13.60
CA SER D 99 -0.27 -24.95 -14.57
C SER D 99 1.08 -24.34 -14.18
N ASP D 100 1.20 -23.88 -12.93
CA ASP D 100 2.40 -23.23 -12.45
C ASP D 100 3.54 -24.22 -12.20
N ASP D 101 3.31 -25.16 -11.28
CA ASP D 101 4.33 -26.15 -10.94
C ASP D 101 3.74 -27.52 -10.63
N PHE D 102 4.06 -28.51 -11.46
CA PHE D 102 3.63 -29.89 -11.23
C PHE D 102 4.86 -30.78 -11.03
#